data_3AQ8
#
_entry.id   3AQ8
#
_cell.length_a   69.526
_cell.length_b   69.526
_cell.length_c   354.855
_cell.angle_alpha   90.00
_cell.angle_beta   90.00
_cell.angle_gamma   120.00
#
_symmetry.space_group_name_H-M   'P 65 2 2'
#
loop_
_entity.id
_entity.type
_entity.pdbx_description
1 polymer 'Group 1 truncated hemoglobin'
2 non-polymer 'PROTOPORPHYRIN IX CONTAINING FE'
3 water water
#
_entity_poly.entity_id   1
_entity_poly.type   'polypeptide(L)'
_entity_poly.pdbx_seq_one_letter_code
;MNKPQTIYEKLGGENAMKAAVPLFYKKVLADERVKHFFKNTDMDHETKQQTDFLTMLLGGPNHYKGKNMTEAHKGMNLQN
LHFDAIIENLAATLKELGVTDAVINEAAKVIEHTRKDMLGK
;
_entity_poly.pdbx_strand_id   A,B
#
loop_
_chem_comp.id
_chem_comp.type
_chem_comp.name
_chem_comp.formula
HEM non-polymer 'PROTOPORPHYRIN IX CONTAINING FE' 'C34 H32 Fe N4 O4'
#
# COMPACT_ATOMS: atom_id res chain seq x y z
N GLN A 5 -20.93 26.25 2.36
CA GLN A 5 -20.98 25.03 1.51
C GLN A 5 -19.65 24.81 0.65
N THR A 6 -18.53 24.97 1.31
CA THR A 6 -17.33 24.26 0.84
C THR A 6 -17.43 22.85 1.42
N ILE A 7 -16.63 21.93 0.92
CA ILE A 7 -16.63 20.60 1.53
C ILE A 7 -16.13 20.70 3.00
N TYR A 8 -15.17 21.57 3.22
CA TYR A 8 -14.65 21.80 4.58
C TYR A 8 -15.85 22.22 5.49
N GLU A 9 -16.69 23.14 5.03
CA GLU A 9 -17.86 23.52 5.87
C GLU A 9 -18.84 22.38 6.01
N LYS A 10 -19.05 21.61 4.92
CA LYS A 10 -20.06 20.53 4.99
C LYS A 10 -19.57 19.46 6.00
N LEU A 11 -18.28 19.29 6.13
CA LEU A 11 -17.72 18.29 7.07
C LEU A 11 -17.84 18.78 8.51
N GLY A 12 -18.02 20.08 8.69
CA GLY A 12 -18.12 20.66 10.02
C GLY A 12 -17.04 21.66 10.41
N GLY A 13 -16.21 22.09 9.45
CA GLY A 13 -15.33 23.22 9.71
C GLY A 13 -14.14 22.81 10.62
N GLU A 14 -13.59 23.79 11.32
CA GLU A 14 -12.28 23.59 11.92
C GLU A 14 -12.30 22.51 13.04
N ASN A 15 -13.32 22.56 13.93
CA ASN A 15 -13.28 21.58 15.04
C ASN A 15 -13.46 20.17 14.53
N ALA A 16 -14.19 20.05 13.41
CA ALA A 16 -14.39 18.74 12.79
C ALA A 16 -13.07 18.23 12.18
N MET A 17 -12.35 19.13 11.53
CA MET A 17 -11.11 18.70 10.87
C MET A 17 -10.08 18.34 11.97
N LYS A 18 -10.04 19.05 13.06
CA LYS A 18 -9.08 18.77 14.15
C LYS A 18 -9.40 17.45 14.81
N ALA A 19 -10.66 17.03 14.80
CA ALA A 19 -11.00 15.66 15.33
C ALA A 19 -10.66 14.56 14.25
N ALA A 20 -10.98 14.87 13.00
CA ALA A 20 -10.83 13.87 11.93
C ALA A 20 -9.36 13.51 11.68
N VAL A 21 -8.47 14.47 11.67
CA VAL A 21 -7.04 14.07 11.27
C VAL A 21 -6.38 13.10 12.23
N PRO A 22 -6.47 13.30 13.56
CA PRO A 22 -5.92 12.24 14.45
C PRO A 22 -6.63 10.91 14.43
N LEU A 23 -7.92 10.91 14.12
CA LEU A 23 -8.63 9.64 14.01
C LEU A 23 -8.15 8.93 12.71
N PHE A 24 -8.03 9.74 11.64
CA PHE A 24 -7.47 9.13 10.41
C PHE A 24 -6.08 8.55 10.69
N TYR A 25 -5.20 9.24 11.42
CA TYR A 25 -3.90 8.59 11.73
C TYR A 25 -4.06 7.37 12.62
N LYS A 26 -5.00 7.40 13.55
CA LYS A 26 -5.20 6.17 14.38
C LYS A 26 -5.48 4.98 13.41
N LYS A 27 -6.33 5.21 12.39
CA LYS A 27 -6.65 4.05 11.48
C LYS A 27 -5.50 3.73 10.57
N VAL A 28 -4.89 4.74 9.99
CA VAL A 28 -3.68 4.49 9.09
C VAL A 28 -2.60 3.72 9.84
N LEU A 29 -2.37 4.08 11.11
CA LEU A 29 -1.27 3.45 11.86
C LEU A 29 -1.66 2.08 12.34
N ALA A 30 -2.92 1.69 12.18
CA ALA A 30 -3.31 0.29 12.41
C ALA A 30 -3.47 -0.55 11.12
N ASP A 31 -3.24 0.04 9.96
CA ASP A 31 -3.53 -0.63 8.68
C ASP A 31 -2.23 -1.26 8.17
N GLU A 32 -2.21 -2.61 8.09
CA GLU A 32 -1.01 -3.34 7.65
C GLU A 32 -0.47 -2.82 6.33
N ARG A 33 -1.38 -2.25 5.51
CA ARG A 33 -0.91 -1.86 4.16
C ARG A 33 0.00 -0.66 4.20
N VAL A 34 -0.17 0.23 5.20
CA VAL A 34 0.55 1.47 5.17
C VAL A 34 1.23 1.95 6.49
N LYS A 35 0.97 1.27 7.60
CA LYS A 35 1.37 1.86 8.90
C LYS A 35 2.85 2.02 8.93
N HIS A 36 3.59 1.01 8.39
CA HIS A 36 5.03 1.05 8.45
C HIS A 36 5.70 2.30 7.81
N PHE A 37 5.08 2.90 6.81
CA PHE A 37 5.63 4.12 6.15
C PHE A 37 5.90 5.27 7.14
N PHE A 38 5.08 5.28 8.19
CA PHE A 38 5.18 6.25 9.29
C PHE A 38 6.08 5.91 10.45
N LYS A 39 6.90 4.86 10.34
CA LYS A 39 7.71 4.43 11.46
C LYS A 39 8.56 5.56 12.10
N ASN A 40 9.20 6.37 11.25
CA ASN A 40 10.15 7.40 11.72
C ASN A 40 9.55 8.81 11.64
N THR A 41 8.24 8.89 11.51
CA THR A 41 7.55 10.22 11.31
C THR A 41 7.26 10.95 12.61
N ASP A 42 7.54 12.26 12.65
CA ASP A 42 7.21 13.07 13.83
C ASP A 42 5.68 13.25 13.67
N MET A 43 4.89 12.53 14.50
CA MET A 43 3.44 12.54 14.29
C MET A 43 2.79 13.91 14.68
N ASP A 44 3.40 14.65 15.58
CA ASP A 44 2.84 16.00 15.85
C ASP A 44 2.95 16.88 14.59
N HIS A 45 4.18 16.94 14.05
CA HIS A 45 4.41 17.65 12.78
C HIS A 45 3.50 17.22 11.72
N GLU A 46 3.44 15.90 11.47
CA GLU A 46 2.66 15.40 10.42
C GLU A 46 1.12 15.69 10.57
N THR A 47 0.64 15.58 11.82
CA THR A 47 -0.81 15.87 12.07
C THR A 47 -1.06 17.34 11.69
N LYS A 48 -0.13 18.24 12.07
CA LYS A 48 -0.33 19.65 11.76
C LYS A 48 -0.34 19.88 10.21
N GLN A 49 0.66 19.30 9.48
CA GLN A 49 0.76 19.51 8.04
C GLN A 49 -0.46 18.98 7.35
N GLN A 50 -0.92 17.78 7.77
CA GLN A 50 -2.02 17.13 7.07
C GLN A 50 -3.30 17.92 7.40
N THR A 51 -3.41 18.39 8.64
CA THR A 51 -4.62 19.25 8.97
C THR A 51 -4.62 20.50 8.01
N ASP A 52 -3.50 21.18 7.94
CA ASP A 52 -3.37 22.35 7.02
C ASP A 52 -3.65 21.94 5.56
N PHE A 53 -3.14 20.80 5.13
CA PHE A 53 -3.31 20.40 3.73
C PHE A 53 -4.78 20.04 3.37
N LEU A 54 -5.44 19.21 4.19
CA LEU A 54 -6.82 18.89 3.92
C LEU A 54 -7.68 20.11 4.10
N THR A 55 -7.34 20.96 5.06
CA THR A 55 -8.14 22.19 5.26
C THR A 55 -8.08 23.03 3.95
N MET A 56 -6.89 23.18 3.44
CA MET A 56 -6.71 23.96 2.19
C MET A 56 -7.47 23.25 1.04
N LEU A 57 -7.28 21.95 0.90
CA LEU A 57 -7.75 21.23 -0.32
C LEU A 57 -9.30 21.23 -0.41
N LEU A 58 -9.93 21.15 0.79
CA LEU A 58 -11.34 21.03 0.88
C LEU A 58 -12.08 22.37 1.01
N GLY A 59 -11.37 23.50 0.84
CA GLY A 59 -12.04 24.82 0.67
C GLY A 59 -12.08 25.61 1.96
N GLY A 60 -11.33 25.17 2.99
CA GLY A 60 -11.20 25.99 4.23
C GLY A 60 -10.05 27.01 4.04
N PRO A 61 -9.57 27.62 5.16
CA PRO A 61 -8.48 28.58 5.00
C PRO A 61 -7.24 27.90 4.42
N ASN A 62 -6.45 28.71 3.71
CA ASN A 62 -5.26 28.15 3.04
C ASN A 62 -4.07 28.64 3.84
N HIS A 63 -3.60 27.80 4.75
CA HIS A 63 -2.35 28.09 5.51
C HIS A 63 -1.33 26.93 5.29
N TYR A 64 -1.52 26.17 4.21
CA TYR A 64 -0.62 25.03 3.96
C TYR A 64 0.71 25.54 3.45
N LYS A 65 1.80 25.25 4.18
CA LYS A 65 3.13 25.69 3.80
C LYS A 65 4.04 24.53 3.58
N GLY A 66 3.44 23.36 3.47
CA GLY A 66 4.27 22.17 3.25
C GLY A 66 4.69 21.78 1.84
N LYS A 67 5.20 20.56 1.67
CA LYS A 67 5.78 20.19 0.45
C LYS A 67 4.63 19.86 -0.53
N ASN A 68 4.92 19.91 -1.81
CA ASN A 68 3.94 19.42 -2.81
C ASN A 68 3.87 17.84 -2.76
N MET A 69 2.92 17.25 -3.50
CA MET A 69 2.64 15.84 -3.26
C MET A 69 3.72 14.95 -3.84
N THR A 70 4.48 15.44 -4.83
CA THR A 70 5.53 14.62 -5.40
C THR A 70 6.70 14.67 -4.36
N GLU A 71 7.04 15.89 -3.94
CA GLU A 71 8.17 16.07 -3.00
C GLU A 71 7.89 15.32 -1.73
N ALA A 72 6.68 15.44 -1.18
CA ALA A 72 6.31 14.79 0.08
C ALA A 72 6.60 13.26 0.04
N HIS A 73 6.46 12.62 -1.11
CA HIS A 73 6.50 11.14 -1.16
C HIS A 73 7.65 10.70 -2.04
N LYS A 74 8.61 11.61 -2.25
CA LYS A 74 9.74 11.32 -3.12
C LYS A 74 10.55 10.16 -2.49
N GLY A 75 10.96 9.23 -3.35
CA GLY A 75 11.77 8.11 -2.88
C GLY A 75 10.98 6.95 -2.25
N MET A 76 9.65 7.09 -2.08
CA MET A 76 8.84 6.04 -1.43
C MET A 76 8.35 4.99 -2.47
N ASN A 77 8.35 5.37 -3.72
CA ASN A 77 7.85 4.54 -4.84
C ASN A 77 6.49 3.94 -4.43
N LEU A 78 5.59 4.79 -3.99
CA LEU A 78 4.29 4.35 -3.54
C LEU A 78 3.50 3.69 -4.69
N GLN A 79 2.69 2.73 -4.31
CA GLN A 79 1.91 1.91 -5.28
C GLN A 79 0.40 2.16 -5.06
N ASN A 80 -0.35 1.83 -6.11
CA ASN A 80 -1.76 2.06 -6.05
C ASN A 80 -2.45 1.54 -4.78
N LEU A 81 -2.08 0.35 -4.34
CA LEU A 81 -2.75 -0.19 -3.17
C LEU A 81 -2.49 0.67 -1.91
N HIS A 82 -1.37 1.39 -1.89
CA HIS A 82 -1.12 2.27 -0.73
C HIS A 82 -2.09 3.46 -0.80
N PHE A 83 -2.25 4.01 -1.99
CA PHE A 83 -3.16 5.19 -2.08
C PHE A 83 -4.63 4.76 -1.79
N ASP A 84 -5.09 3.64 -2.33
CA ASP A 84 -6.42 3.12 -1.92
C ASP A 84 -6.58 2.98 -0.41
N ALA A 85 -5.53 2.51 0.26
CA ALA A 85 -5.65 2.33 1.71
C ALA A 85 -5.85 3.68 2.41
N ILE A 86 -5.05 4.69 1.98
CA ILE A 86 -5.19 6.03 2.61
C ILE A 86 -6.63 6.55 2.39
N ILE A 87 -7.16 6.44 1.18
CA ILE A 87 -8.55 6.96 0.93
C ILE A 87 -9.54 6.17 1.76
N GLU A 88 -9.38 4.83 1.83
CA GLU A 88 -10.31 4.01 2.63
C GLU A 88 -10.27 4.44 4.10
N ASN A 89 -9.08 4.67 4.63
CA ASN A 89 -9.03 5.11 6.01
C ASN A 89 -9.62 6.50 6.22
N LEU A 90 -9.39 7.44 5.31
CA LEU A 90 -10.06 8.76 5.51
C LEU A 90 -11.58 8.58 5.41
N ALA A 91 -12.06 7.78 4.44
CA ALA A 91 -13.51 7.56 4.37
C ALA A 91 -14.05 6.94 5.65
N ALA A 92 -13.39 5.91 6.21
CA ALA A 92 -13.90 5.26 7.42
C ALA A 92 -13.87 6.27 8.59
N THR A 93 -12.84 7.09 8.63
CA THR A 93 -12.76 8.17 9.71
C THR A 93 -14.00 9.08 9.60
N LEU A 94 -14.22 9.62 8.40
CA LEU A 94 -15.35 10.58 8.33
C LEU A 94 -16.66 9.87 8.61
N LYS A 95 -16.79 8.61 8.15
CA LYS A 95 -18.06 7.87 8.45
C LYS A 95 -18.21 7.66 9.96
N GLU A 96 -17.11 7.32 10.64
CA GLU A 96 -17.24 7.08 12.11
C GLU A 96 -17.65 8.40 12.81
N LEU A 97 -17.22 9.53 12.24
CA LEU A 97 -17.53 10.86 12.82
C LEU A 97 -18.90 11.37 12.38
N GLY A 98 -19.65 10.54 11.63
CA GLY A 98 -21.09 10.84 11.34
C GLY A 98 -21.31 11.59 10.00
N VAL A 99 -20.27 11.67 9.18
CA VAL A 99 -20.38 12.38 7.86
C VAL A 99 -21.21 11.50 6.89
N THR A 100 -22.09 12.08 6.08
CA THR A 100 -22.87 11.27 5.13
C THR A 100 -22.01 10.76 3.96
N ASP A 101 -22.48 9.71 3.28
CA ASP A 101 -21.70 9.18 2.16
C ASP A 101 -21.50 10.25 1.06
N ALA A 102 -22.51 11.06 0.81
CA ALA A 102 -22.43 12.06 -0.31
C ALA A 102 -21.28 13.05 -0.03
N VAL A 103 -21.14 13.48 1.25
CA VAL A 103 -20.06 14.44 1.55
C VAL A 103 -18.68 13.72 1.51
N ILE A 104 -18.60 12.51 2.08
CA ILE A 104 -17.34 11.72 1.97
C ILE A 104 -16.93 11.63 0.49
N ASN A 105 -17.93 11.39 -0.38
CA ASN A 105 -17.58 11.18 -1.78
C ASN A 105 -17.05 12.44 -2.42
N GLU A 106 -17.64 13.58 -2.06
CA GLU A 106 -17.14 14.86 -2.58
C GLU A 106 -15.67 15.09 -2.16
N ALA A 107 -15.38 14.83 -0.86
CA ALA A 107 -14.03 14.99 -0.38
C ALA A 107 -13.07 14.05 -1.12
N ALA A 108 -13.42 12.79 -1.19
CA ALA A 108 -12.58 11.81 -1.88
C ALA A 108 -12.32 12.23 -3.36
N LYS A 109 -13.33 12.76 -4.00
CA LYS A 109 -13.20 13.13 -5.43
C LYS A 109 -12.11 14.23 -5.61
N VAL A 110 -12.03 15.15 -4.64
CA VAL A 110 -10.98 16.18 -4.69
C VAL A 110 -9.63 15.52 -4.44
N ILE A 111 -9.53 14.73 -3.36
CA ILE A 111 -8.21 14.11 -2.99
C ILE A 111 -7.69 13.19 -4.03
N GLU A 112 -8.57 12.50 -4.72
CA GLU A 112 -8.17 11.50 -5.69
C GLU A 112 -7.31 12.12 -6.84
N HIS A 113 -7.48 13.42 -7.13
CA HIS A 113 -6.64 14.07 -8.16
C HIS A 113 -5.13 14.02 -7.82
N THR A 114 -4.81 13.82 -6.54
CA THR A 114 -3.37 13.81 -6.08
C THR A 114 -2.69 12.50 -6.40
N ARG A 115 -3.47 11.46 -6.77
CA ARG A 115 -2.83 10.12 -6.91
C ARG A 115 -1.62 10.13 -7.90
N LYS A 116 -1.81 10.70 -9.07
CA LYS A 116 -0.71 10.68 -10.03
C LYS A 116 0.53 11.48 -9.56
N ASP A 117 0.35 12.40 -8.62
CA ASP A 117 1.49 13.22 -8.18
C ASP A 117 2.40 12.45 -7.25
N MET A 118 1.83 11.46 -6.56
CA MET A 118 2.58 10.78 -5.54
C MET A 118 2.96 9.31 -5.81
N LEU A 119 2.29 8.61 -6.73
CA LEU A 119 2.62 7.19 -6.97
C LEU A 119 3.97 7.10 -7.73
N GLY A 120 4.80 6.14 -7.32
CA GLY A 120 5.97 5.84 -8.14
C GLY A 120 7.05 6.90 -8.10
N LYS A 121 7.13 7.66 -7.01
CA LYS A 121 8.11 8.78 -6.90
C LYS A 121 9.32 8.44 -6.03
N GLN B 5 4.17 -4.44 15.74
CA GLN B 5 5.06 -5.40 15.02
C GLN B 5 4.62 -5.91 13.62
N THR B 6 5.51 -5.86 12.63
CA THR B 6 5.08 -5.97 11.26
C THR B 6 5.04 -7.44 10.79
N ILE B 7 4.22 -7.72 9.78
CA ILE B 7 4.20 -9.03 9.15
C ILE B 7 5.61 -9.51 8.75
N TYR B 8 6.41 -8.62 8.16
CA TYR B 8 7.79 -8.90 7.80
C TYR B 8 8.56 -9.39 9.05
N GLU B 9 8.41 -8.70 10.16
CA GLU B 9 9.09 -9.15 11.42
C GLU B 9 8.51 -10.50 11.83
N LYS B 10 7.17 -10.65 11.79
CA LYS B 10 6.52 -11.87 12.21
C LYS B 10 6.99 -13.08 11.41
N LEU B 11 7.33 -12.91 10.15
CA LEU B 11 7.77 -14.07 9.33
C LEU B 11 9.30 -14.33 9.41
N GLY B 12 9.96 -13.56 10.24
CA GLY B 12 11.37 -13.76 10.55
C GLY B 12 12.32 -12.78 9.92
N GLY B 13 11.80 -11.69 9.29
CA GLY B 13 12.66 -10.53 8.93
C GLY B 13 13.53 -10.79 7.70
N GLU B 14 14.65 -10.04 7.58
CA GLU B 14 15.50 -10.03 6.36
C GLU B 14 16.06 -11.40 5.94
N ASN B 15 16.49 -12.18 6.94
CA ASN B 15 17.05 -13.51 6.57
C ASN B 15 16.01 -14.44 6.07
N ALA B 16 14.81 -14.40 6.66
CA ALA B 16 13.73 -15.24 6.18
C ALA B 16 13.29 -14.79 4.77
N MET B 17 13.27 -13.47 4.53
CA MET B 17 12.79 -12.98 3.19
C MET B 17 13.81 -13.44 2.11
N LYS B 18 15.14 -13.43 2.46
CA LYS B 18 16.21 -13.60 1.42
C LYS B 18 16.26 -15.07 0.96
N ALA B 19 15.81 -15.93 1.93
CA ALA B 19 15.59 -17.38 1.75
C ALA B 19 14.32 -17.51 0.92
N ALA B 20 13.21 -17.00 1.46
CA ALA B 20 11.90 -17.15 0.76
C ALA B 20 11.86 -16.89 -0.70
N VAL B 21 12.33 -15.75 -1.18
CA VAL B 21 12.06 -15.43 -2.55
C VAL B 21 12.62 -16.54 -3.47
N PRO B 22 13.86 -17.00 -3.22
CA PRO B 22 14.34 -18.13 -4.06
C PRO B 22 13.61 -19.45 -3.89
N LEU B 23 13.25 -19.83 -2.67
CA LEU B 23 12.50 -21.07 -2.51
C LEU B 23 11.13 -20.94 -3.28
N PHE B 24 10.53 -19.76 -3.21
CA PHE B 24 9.29 -19.47 -3.93
C PHE B 24 9.49 -19.51 -5.42
N TYR B 25 10.54 -18.88 -5.92
CA TYR B 25 10.75 -19.10 -7.34
C TYR B 25 11.00 -20.58 -7.76
N LYS B 26 11.73 -21.35 -6.95
CA LYS B 26 11.91 -22.80 -7.24
C LYS B 26 10.51 -23.45 -7.47
N LYS B 27 9.53 -23.14 -6.60
CA LYS B 27 8.13 -23.69 -6.78
C LYS B 27 7.44 -23.10 -7.98
N VAL B 28 7.54 -21.78 -8.17
CA VAL B 28 6.86 -21.16 -9.32
C VAL B 28 7.37 -21.79 -10.63
N LEU B 29 8.65 -22.08 -10.69
CA LEU B 29 9.19 -22.53 -11.93
C LEU B 29 8.92 -24.03 -12.15
N ALA B 30 8.35 -24.69 -11.16
CA ALA B 30 7.89 -26.08 -11.33
C ALA B 30 6.36 -26.19 -11.34
N ASP B 31 5.66 -25.08 -11.36
CA ASP B 31 4.19 -25.09 -11.33
C ASP B 31 3.68 -24.92 -12.78
N GLU B 32 2.98 -25.93 -13.30
CA GLU B 32 2.46 -25.87 -14.70
C GLU B 32 1.57 -24.66 -14.92
N ARG B 33 0.92 -24.16 -13.90
CA ARG B 33 -0.01 -23.05 -14.13
C ARG B 33 0.71 -21.76 -14.56
N VAL B 34 1.96 -21.59 -14.09
CA VAL B 34 2.70 -20.33 -14.23
C VAL B 34 4.16 -20.38 -14.69
N LYS B 35 4.82 -21.56 -14.73
CA LYS B 35 6.25 -21.54 -14.90
C LYS B 35 6.61 -20.87 -16.24
N HIS B 36 5.77 -21.04 -17.26
CA HIS B 36 6.15 -20.67 -18.63
C HIS B 36 6.20 -19.10 -18.76
N PHE B 37 5.54 -18.37 -17.86
CA PHE B 37 5.65 -16.90 -17.91
C PHE B 37 7.05 -16.38 -17.67
N PHE B 38 7.91 -17.21 -17.02
CA PHE B 38 9.25 -16.79 -16.69
C PHE B 38 10.30 -17.32 -17.68
N LYS B 39 9.83 -17.90 -18.81
CA LYS B 39 10.76 -18.54 -19.77
C LYS B 39 11.91 -17.61 -20.14
N ASN B 40 11.60 -16.32 -20.36
CA ASN B 40 12.68 -15.41 -20.85
C ASN B 40 13.13 -14.40 -19.82
N THR B 41 12.71 -14.64 -18.60
CA THR B 41 12.94 -13.71 -17.49
C THR B 41 14.36 -13.86 -16.91
N ASP B 42 15.03 -12.74 -16.63
CA ASP B 42 16.33 -12.79 -15.92
C ASP B 42 15.95 -13.06 -14.46
N MET B 43 16.24 -14.28 -14.01
CA MET B 43 15.73 -14.74 -12.75
C MET B 43 16.54 -14.05 -11.57
N ASP B 44 17.78 -13.65 -11.80
CA ASP B 44 18.57 -12.93 -10.79
C ASP B 44 17.95 -11.57 -10.46
N HIS B 45 17.62 -10.84 -11.53
CA HIS B 45 16.95 -9.54 -11.42
C HIS B 45 15.56 -9.70 -10.80
N GLU B 46 14.81 -10.70 -11.27
CA GLU B 46 13.45 -10.89 -10.78
C GLU B 46 13.49 -11.22 -9.27
N THR B 47 14.38 -12.14 -8.88
CA THR B 47 14.54 -12.45 -7.48
C THR B 47 14.89 -11.23 -6.65
N LYS B 48 15.83 -10.40 -7.09
CA LYS B 48 16.17 -9.26 -6.29
C LYS B 48 14.94 -8.32 -6.15
N GLN B 49 14.30 -8.01 -7.29
CA GLN B 49 13.10 -7.10 -7.33
C GLN B 49 11.98 -7.60 -6.42
N GLN B 50 11.69 -8.90 -6.47
CA GLN B 50 10.65 -9.48 -5.66
C GLN B 50 11.02 -9.42 -4.17
N THR B 51 12.24 -9.77 -3.83
CA THR B 51 12.68 -9.50 -2.41
C THR B 51 12.46 -8.08 -2.00
N ASP B 52 12.77 -7.10 -2.85
CA ASP B 52 12.60 -5.69 -2.39
C ASP B 52 11.15 -5.36 -2.31
N PHE B 53 10.40 -5.94 -3.26
CA PHE B 53 8.94 -5.61 -3.30
C PHE B 53 8.24 -6.16 -2.08
N LEU B 54 8.39 -7.47 -1.86
CA LEU B 54 7.72 -8.09 -0.71
C LEU B 54 8.21 -7.55 0.60
N THR B 55 9.50 -7.22 0.69
CA THR B 55 10.01 -6.66 1.91
C THR B 55 9.29 -5.31 2.16
N MET B 56 9.17 -4.51 1.14
CA MET B 56 8.51 -3.20 1.34
C MET B 56 7.01 -3.48 1.70
N LEU B 57 6.38 -4.36 0.96
CA LEU B 57 4.90 -4.48 1.08
C LEU B 57 4.54 -4.93 2.50
N LEU B 58 5.34 -5.83 3.04
CA LEU B 58 5.08 -6.42 4.34
C LEU B 58 5.64 -5.67 5.48
N GLY B 59 6.08 -4.43 5.26
CA GLY B 59 6.47 -3.59 6.36
C GLY B 59 7.91 -3.61 6.79
N GLY B 60 8.75 -4.29 5.98
CA GLY B 60 10.19 -4.23 6.16
C GLY B 60 10.70 -2.90 5.67
N PRO B 61 12.04 -2.78 5.48
CA PRO B 61 12.50 -1.52 4.93
C PRO B 61 12.01 -1.37 3.44
N ASN B 62 11.96 -0.11 2.98
CA ASN B 62 11.39 0.21 1.64
C ASN B 62 12.51 0.62 0.71
N HIS B 63 13.00 -0.33 -0.07
CA HIS B 63 14.05 -0.04 -1.01
C HIS B 63 13.58 -0.46 -2.37
N TYR B 64 12.26 -0.65 -2.53
CA TYR B 64 11.76 -1.10 -3.80
C TYR B 64 11.82 -0.03 -4.86
N LYS B 65 12.50 -0.33 -5.96
CA LYS B 65 12.65 0.67 -7.02
C LYS B 65 12.16 0.19 -8.36
N GLY B 66 11.48 -0.93 -8.40
CA GLY B 66 11.00 -1.43 -9.66
C GLY B 66 9.66 -0.86 -10.16
N LYS B 67 9.08 -1.57 -11.11
CA LYS B 67 7.92 -1.15 -11.77
C LYS B 67 6.65 -1.31 -10.88
N ASN B 68 5.63 -0.56 -11.20
CA ASN B 68 4.34 -0.79 -10.52
C ASN B 68 3.70 -2.08 -11.05
N MET B 69 2.72 -2.60 -10.31
CA MET B 69 2.21 -3.93 -10.62
C MET B 69 1.46 -3.99 -11.96
N THR B 70 1.00 -2.85 -12.47
CA THR B 70 0.40 -2.83 -13.82
C THR B 70 1.50 -2.91 -14.91
N GLU B 71 2.47 -2.03 -14.81
CA GLU B 71 3.60 -1.99 -15.77
C GLU B 71 4.35 -3.32 -15.73
N ALA B 72 4.62 -3.85 -14.53
CA ALA B 72 5.28 -5.16 -14.41
C ALA B 72 4.65 -6.29 -15.20
N HIS B 73 3.33 -6.32 -15.29
CA HIS B 73 2.61 -7.46 -15.92
C HIS B 73 1.91 -7.08 -17.21
N LYS B 74 2.30 -5.93 -17.74
CA LYS B 74 1.62 -5.39 -18.94
C LYS B 74 1.82 -6.35 -20.10
N GLY B 75 0.80 -6.52 -20.91
CA GLY B 75 0.94 -7.39 -22.09
C GLY B 75 0.74 -8.88 -21.77
N MET B 76 0.73 -9.24 -20.48
CA MET B 76 0.59 -10.65 -20.08
C MET B 76 -0.87 -11.16 -20.04
N ASN B 77 -1.81 -10.23 -19.89
CA ASN B 77 -3.23 -10.55 -19.74
C ASN B 77 -3.38 -11.72 -18.71
N LEU B 78 -2.78 -11.55 -17.54
CA LEU B 78 -2.82 -12.56 -16.50
C LEU B 78 -4.28 -12.83 -16.07
N GLN B 79 -4.51 -14.07 -15.67
CA GLN B 79 -5.79 -14.53 -15.27
C GLN B 79 -5.81 -14.88 -13.76
N ASN B 80 -7.01 -14.89 -13.19
CA ASN B 80 -7.16 -15.23 -11.75
C ASN B 80 -6.45 -16.49 -11.30
N LEU B 81 -6.53 -17.56 -12.12
CA LEU B 81 -5.86 -18.78 -11.67
C LEU B 81 -4.34 -18.57 -11.58
N HIS B 82 -3.76 -17.65 -12.40
CA HIS B 82 -2.27 -17.41 -12.26
C HIS B 82 -1.95 -16.72 -10.95
N PHE B 83 -2.77 -15.73 -10.60
CA PHE B 83 -2.53 -15.06 -9.32
C PHE B 83 -2.71 -16.05 -8.15
N ASP B 84 -3.76 -16.89 -8.18
CA ASP B 84 -3.95 -17.87 -7.05
C ASP B 84 -2.72 -18.81 -6.96
N ALA B 85 -2.20 -19.21 -8.11
CA ALA B 85 -0.99 -20.06 -8.10
C ALA B 85 0.20 -19.39 -7.40
N ILE B 86 0.49 -18.12 -7.73
CA ILE B 86 1.61 -17.35 -7.12
C ILE B 86 1.38 -17.29 -5.60
N ILE B 87 0.16 -16.93 -5.21
CA ILE B 87 -0.13 -16.92 -3.73
C ILE B 87 0.04 -18.27 -3.06
N GLU B 88 -0.47 -19.34 -3.67
CA GLU B 88 -0.35 -20.65 -3.05
C GLU B 88 1.11 -21.07 -2.95
N ASN B 89 1.92 -20.69 -3.94
CA ASN B 89 3.36 -21.09 -3.90
C ASN B 89 4.14 -20.32 -2.83
N LEU B 90 3.82 -19.03 -2.69
CA LEU B 90 4.37 -18.24 -1.62
C LEU B 90 3.95 -18.79 -0.27
N ALA B 91 2.64 -19.02 -0.06
CA ALA B 91 2.16 -19.56 1.22
C ALA B 91 2.85 -20.95 1.55
N ALA B 92 3.05 -21.81 0.56
CA ALA B 92 3.72 -23.10 0.84
C ALA B 92 5.19 -22.92 1.23
N THR B 93 5.85 -21.96 0.58
CA THR B 93 7.23 -21.63 0.88
C THR B 93 7.37 -21.13 2.34
N LEU B 94 6.54 -20.18 2.74
CA LEU B 94 6.59 -19.68 4.14
C LEU B 94 6.24 -20.79 5.12
N LYS B 95 5.31 -21.65 4.73
CA LYS B 95 4.90 -22.71 5.61
C LYS B 95 6.09 -23.67 5.83
N GLU B 96 6.83 -23.95 4.76
CA GLU B 96 8.08 -24.73 4.86
C GLU B 96 9.18 -24.08 5.67
N LEU B 97 9.21 -22.74 5.69
CA LEU B 97 10.10 -22.03 6.59
C LEU B 97 9.60 -22.05 8.03
N GLY B 98 8.45 -22.67 8.31
CA GLY B 98 7.95 -22.71 9.67
C GLY B 98 7.28 -21.40 10.08
N VAL B 99 6.79 -20.63 9.11
CA VAL B 99 5.92 -19.47 9.41
C VAL B 99 4.52 -20.03 9.79
N THR B 100 3.91 -19.47 10.82
CA THR B 100 2.56 -19.86 11.26
C THR B 100 1.46 -19.61 10.20
N ASP B 101 0.35 -20.39 10.23
CA ASP B 101 -0.78 -20.14 9.31
C ASP B 101 -1.33 -18.70 9.48
N ALA B 102 -1.45 -18.22 10.72
CA ALA B 102 -1.95 -16.86 10.98
C ALA B 102 -1.12 -15.81 10.26
N VAL B 103 0.21 -15.89 10.34
CA VAL B 103 1.09 -14.89 9.72
C VAL B 103 1.04 -14.93 8.18
N ILE B 104 1.01 -16.16 7.66
CA ILE B 104 0.88 -16.38 6.25
C ILE B 104 -0.38 -15.68 5.77
N ASN B 105 -1.47 -15.83 6.52
CA ASN B 105 -2.75 -15.25 6.09
C ASN B 105 -2.73 -13.73 6.11
N GLU B 106 -2.00 -13.13 7.07
CA GLU B 106 -1.81 -11.66 7.07
C GLU B 106 -1.08 -11.17 5.87
N ALA B 107 -0.03 -11.92 5.48
CA ALA B 107 0.77 -11.57 4.36
C ALA B 107 -0.10 -11.65 3.13
N ALA B 108 -0.82 -12.76 2.98
CA ALA B 108 -1.64 -12.94 1.79
C ALA B 108 -2.75 -11.87 1.66
N LYS B 109 -3.26 -11.43 2.81
CA LYS B 109 -4.34 -10.49 2.82
C LYS B 109 -3.77 -9.15 2.27
N VAL B 110 -2.49 -8.86 2.56
CA VAL B 110 -1.89 -7.61 2.06
C VAL B 110 -1.65 -7.76 0.57
N ILE B 111 -1.04 -8.84 0.23
CA ILE B 111 -0.69 -9.10 -1.18
C ILE B 111 -1.89 -9.16 -2.09
N GLU B 112 -3.01 -9.60 -1.56
CA GLU B 112 -4.19 -9.81 -2.34
C GLU B 112 -4.62 -8.44 -2.98
N HIS B 113 -4.29 -7.31 -2.30
CA HIS B 113 -4.76 -6.02 -2.83
C HIS B 113 -4.10 -5.68 -4.20
N THR B 114 -3.03 -6.34 -4.52
CA THR B 114 -2.40 -6.13 -5.85
C THR B 114 -3.12 -6.82 -7.01
N ARG B 115 -4.05 -7.74 -6.73
CA ARG B 115 -4.65 -8.58 -7.82
C ARG B 115 -5.21 -7.69 -8.94
N LYS B 116 -6.06 -6.73 -8.56
CA LYS B 116 -6.70 -5.92 -9.59
C LYS B 116 -5.68 -5.08 -10.42
N ASP B 117 -4.53 -4.82 -9.88
CA ASP B 117 -3.58 -3.97 -10.57
C ASP B 117 -2.84 -4.76 -11.67
N MET B 118 -2.80 -6.09 -11.54
CA MET B 118 -1.98 -6.90 -12.51
C MET B 118 -2.80 -7.83 -13.40
N LEU B 119 -4.03 -8.20 -13.00
CA LEU B 119 -4.82 -9.05 -13.91
C LEU B 119 -5.29 -8.35 -15.19
N GLY B 120 -5.18 -9.04 -16.33
CA GLY B 120 -5.84 -8.54 -17.51
C GLY B 120 -5.16 -7.29 -18.12
N LYS B 121 -3.85 -7.14 -17.90
CA LYS B 121 -3.08 -5.98 -18.37
C LYS B 121 -2.24 -6.20 -19.72
CHA HEM C . 3.98 13.25 4.02
CHB HEM C . 2.99 8.46 3.53
CHC HEM C . -0.69 9.53 0.56
CHD HEM C . -0.47 14.03 2.21
C1A HEM C . 4.02 11.89 4.16
C2A HEM C . 5.02 11.12 4.94
C3A HEM C . 4.70 9.81 4.80
C4A HEM C . 3.55 9.68 3.90
CMA HEM C . 5.38 8.56 5.41
CAA HEM C . 6.07 11.79 5.89
CBA HEM C . 7.53 11.60 5.57
CGA HEM C . 7.98 12.06 7.01
O1A HEM C . 7.93 13.34 7.20
O2A HEM C . 8.13 11.22 7.98
C1B HEM C . 1.95 8.35 2.63
C2B HEM C . 1.55 7.07 2.01
C3B HEM C . 0.53 7.36 1.15
C4B HEM C . 0.33 8.82 1.22
CMB HEM C . 2.08 5.65 2.31
CAB HEM C . -0.25 6.34 0.26
CBB HEM C . -0.34 6.71 -1.00
C1C HEM C . -1.10 10.80 0.87
C2C HEM C . -2.36 11.48 0.46
C3C HEM C . -2.27 12.76 0.95
C4C HEM C . -0.99 12.88 1.66
CMC HEM C . -3.50 10.76 -0.29
CAC HEM C . -3.27 13.92 0.96
CBC HEM C . -4.18 13.88 0.04
C1D HEM C . 0.74 14.22 2.81
C2D HEM C . 1.14 15.51 3.35
C3D HEM C . 2.53 15.26 3.90
C4D HEM C . 2.80 13.86 3.64
CMD HEM C . 0.38 16.86 3.47
CAD HEM C . 3.39 16.31 4.63
CBD HEM C . 4.37 16.96 3.71
CGD HEM C . 5.16 17.96 4.55
O1D HEM C . 5.45 19.09 4.08
O2D HEM C . 5.61 17.52 5.70
NA HEM C . 3.23 10.95 3.56
NB HEM C . 1.23 9.43 2.09
NC HEM C . -0.38 11.71 1.49
ND HEM C . 1.73 13.27 2.98
FE HEM C . 1.46 11.32 2.51
CHA HEM D . 7.75 -9.13 -12.80
CHB HEM D . 4.84 -12.88 -13.63
CHC HEM D . 2.04 -12.18 -9.81
CHD HEM D . 5.49 -9.01 -8.46
C1A HEM D . 7.18 -10.28 -13.36
C2A HEM D . 7.67 -10.97 -14.54
C3A HEM D . 6.90 -12.08 -14.72
C4A HEM D . 5.87 -12.05 -13.71
CMA HEM D . 7.15 -13.08 -15.92
CAA HEM D . 9.00 -10.52 -15.19
CBA HEM D . 8.73 -9.73 -16.44
CGA HEM D . 9.97 -9.76 -17.31
O1A HEM D . 10.13 -8.69 -18.04
O2A HEM D . 10.70 -10.84 -17.36
C1B HEM D . 3.81 -12.96 -12.77
C2B HEM D . 2.72 -13.90 -12.90
C3B HEM D . 1.91 -13.66 -11.87
C4B HEM D . 2.52 -12.62 -11.03
CMB HEM D . 2.41 -15.06 -13.95
CAB HEM D . 0.62 -14.37 -11.54
CBB HEM D . -0.39 -13.54 -11.34
C1C HEM D . 2.79 -11.33 -9.03
C2C HEM D . 2.52 -10.93 -7.63
C3C HEM D . 3.51 -10.04 -7.30
C4C HEM D . 4.37 -9.83 -8.42
CMC HEM D . 1.37 -11.53 -6.94
CAC HEM D . 3.74 -9.25 -5.98
CBC HEM D . 2.99 -9.57 -4.98
C1D HEM D . 6.37 -8.77 -9.48
C2D HEM D . 7.50 -7.84 -9.33
C3D HEM D . 8.20 -7.84 -10.66
C4D HEM D . 7.41 -8.79 -11.48
CMD HEM D . 8.05 -6.98 -8.12
CAD HEM D . 9.44 -7.10 -11.12
CBD HEM D . 9.04 -5.81 -11.79
CGD HEM D . 10.36 -5.14 -12.03
O1D HEM D . 10.54 -3.88 -11.86
O2D HEM D . 11.23 -5.91 -12.65
NA HEM D . 6.11 -10.96 -12.93
NB HEM D . 3.66 -12.12 -11.63
NC HEM D . 3.85 -10.62 -9.45
ND HEM D . 6.34 -9.36 -10.81
FE HEM D . 5.01 -10.76 -11.22
#